data_3IRR
#
_entry.id   3IRR
#
_cell.length_a   30.667
_cell.length_b   102.205
_cell.length_c   105.883
_cell.angle_alpha   90.00
_cell.angle_beta   90.00
_cell.angle_gamma   90.00
#
_symmetry.space_group_name_H-M   'P 21 21 21'
#
loop_
_entity.id
_entity.type
_entity.pdbx_description
1 polymer 'Double-stranded RNA-specific adenosine deaminase'
2 polymer "DNA (5'-D(*G*TP*CP*GP*CP*GP*CP*GP*TP*CP*GP*CP*GP*CP*G)-3')"
3 polymer "DNA (5'-D(*A*CP*CP*GP*CP*GP*CP*GP*AP*CP*GP*CP*GP*CP*G)-3')"
4 non-polymer '4-(2-HYDROXYETHYL)-1-PIPERAZINE ETHANESULFONIC ACID'
5 water water
#
loop_
_entity_poly.entity_id
_entity_poly.type
_entity_poly.pdbx_seq_one_letter_code
_entity_poly.pdbx_strand_id
1 'polypeptide(L)' GSHMEQRILKFLEELGEGKATTAHDLSGKLGTPKKEINRVLYSLAKKGKLQKEAGTPPLWKIAVSTQ A,B,C,D
2 'polydeoxyribonucleotide' (DG)(DT)(DC)(DG)(DC)(DG)(DC)(DG)(DT)(DC)(DG)(DC)(DG)(DC)(DG) F
3 'polydeoxyribonucleotide' (DA)(DC)(DC)(DG)(DC)(DG)(DC)(DG)(DA)(DC)(DG)(DC)(DG)(DC)(DG) G
#
loop_
_chem_comp.id
_chem_comp.type
_chem_comp.name
_chem_comp.formula
DA DNA linking 2'-DEOXYADENOSINE-5'-MONOPHOSPHATE 'C10 H14 N5 O6 P'
DC DNA linking 2'-DEOXYCYTIDINE-5'-MONOPHOSPHATE 'C9 H14 N3 O7 P'
DG DNA linking 2'-DEOXYGUANOSINE-5'-MONOPHOSPHATE 'C10 H14 N5 O7 P'
DT DNA linking THYMIDINE-5'-MONOPHOSPHATE 'C10 H15 N2 O8 P'
EPE non-polymer '4-(2-HYDROXYETHYL)-1-PIPERAZINE ETHANESULFONIC ACID' 'C8 H18 N2 O4 S'
#
# COMPACT_ATOMS: atom_id res chain seq x y z
N GLY A 1 -15.17 -23.62 -12.78
CA GLY A 1 -16.29 -22.70 -12.93
C GLY A 1 -17.06 -22.90 -14.23
N SER A 2 -17.74 -21.85 -14.69
CA SER A 2 -18.46 -21.90 -15.95
C SER A 2 -18.99 -20.53 -16.39
N HIS A 3 -18.11 -19.54 -16.58
CA HIS A 3 -16.68 -19.69 -16.36
C HIS A 3 -16.04 -18.31 -16.34
N MET A 4 -15.21 -18.05 -15.32
CA MET A 4 -14.52 -16.78 -15.21
C MET A 4 -13.54 -16.61 -16.37
N GLU A 5 -13.26 -17.72 -17.04
CA GLU A 5 -12.31 -17.75 -18.14
C GLU A 5 -12.90 -17.10 -19.39
N GLN A 6 -14.19 -17.36 -19.63
CA GLN A 6 -14.88 -16.82 -20.80
C GLN A 6 -15.18 -15.33 -20.64
N ARG A 7 -15.57 -14.93 -19.44
CA ARG A 7 -15.91 -13.54 -19.17
C ARG A 7 -14.72 -12.60 -19.45
N ILE A 8 -13.54 -13.02 -19.04
CA ILE A 8 -12.33 -12.23 -19.24
C ILE A 8 -11.98 -12.08 -20.72
N LEU A 9 -12.04 -13.19 -21.45
CA LEU A 9 -11.74 -13.18 -22.87
C LEU A 9 -12.62 -12.18 -23.63
N LYS A 10 -13.82 -11.93 -23.11
CA LYS A 10 -14.75 -11.00 -23.75
C LYS A 10 -14.35 -9.56 -23.50
N PHE A 11 -14.14 -9.21 -22.23
CA PHE A 11 -13.76 -7.86 -21.88
C PHE A 11 -12.57 -7.38 -22.71
N LEU A 12 -11.65 -8.30 -23.00
CA LEU A 12 -10.48 -7.98 -23.81
C LEU A 12 -10.82 -7.90 -25.29
N GLU A 13 -11.71 -8.80 -25.74
CA GLU A 13 -12.17 -8.78 -27.12
C GLU A 13 -12.92 -7.49 -27.41
N GLU A 14 -13.83 -7.12 -26.50
CA GLU A 14 -14.57 -5.88 -26.63
C GLU A 14 -13.65 -4.68 -26.55
N LEU A 15 -12.57 -4.84 -25.79
CA LEU A 15 -11.57 -3.78 -25.65
C LEU A 15 -10.81 -3.58 -26.95
N GLY A 16 -10.75 -4.64 -27.76
CA GLY A 16 -10.08 -4.58 -29.04
C GLY A 16 -8.68 -5.15 -29.00
N GLU A 17 -8.33 -5.95 -30.01
CA GLU A 17 -7.01 -6.53 -30.12
C GLU A 17 -5.93 -5.45 -30.04
N GLY A 18 -4.89 -5.71 -29.25
CA GLY A 18 -3.78 -4.79 -29.14
C GLY A 18 -3.91 -3.84 -27.96
N LYS A 19 -5.05 -3.91 -27.27
CA LYS A 19 -5.28 -3.06 -26.11
C LYS A 19 -5.19 -3.88 -24.83
N ALA A 20 -4.47 -3.37 -23.84
CA ALA A 20 -4.22 -4.11 -22.61
C ALA A 20 -4.98 -3.53 -21.42
N THR A 21 -5.00 -4.27 -20.32
CA THR A 21 -5.66 -3.85 -19.10
C THR A 21 -5.03 -4.54 -17.88
N THR A 22 -5.27 -3.98 -16.70
CA THR A 22 -4.73 -4.55 -15.47
C THR A 22 -5.75 -5.47 -14.79
N ALA A 23 -5.26 -6.36 -13.95
CA ALA A 23 -6.13 -7.25 -13.18
C ALA A 23 -7.02 -6.43 -12.24
N HIS A 24 -6.44 -5.38 -11.67
CA HIS A 24 -7.18 -4.48 -10.80
C HIS A 24 -8.38 -3.89 -11.52
N ASP A 25 -8.22 -3.62 -12.80
CA ASP A 25 -9.30 -3.06 -13.62
C ASP A 25 -10.38 -4.11 -13.86
N LEU A 26 -9.97 -5.32 -14.21
CA LEU A 26 -10.91 -6.41 -14.44
C LEU A 26 -11.63 -6.80 -13.15
N SER A 27 -10.94 -6.66 -12.03
CA SER A 27 -11.52 -7.02 -10.73
C SER A 27 -12.81 -6.25 -10.44
N GLY A 28 -12.70 -4.92 -10.43
CA GLY A 28 -13.81 -4.06 -10.09
C GLY A 28 -14.96 -4.08 -11.08
N LYS A 29 -14.65 -4.45 -12.33
CA LYS A 29 -15.65 -4.45 -13.39
C LYS A 29 -16.35 -5.80 -13.55
N LEU A 30 -15.68 -6.87 -13.13
CA LEU A 30 -16.28 -8.20 -13.17
C LEU A 30 -16.78 -8.61 -11.79
N GLY A 31 -16.78 -7.67 -10.87
CA GLY A 31 -17.26 -7.91 -9.51
C GLY A 31 -16.55 -9.07 -8.82
N THR A 32 -15.40 -9.46 -9.36
CA THR A 32 -14.64 -10.59 -8.82
C THR A 32 -13.36 -10.11 -8.15
N PRO A 33 -13.08 -10.61 -6.94
CA PRO A 33 -11.86 -10.25 -6.22
C PRO A 33 -10.62 -10.43 -7.10
N LYS A 34 -9.66 -9.52 -6.95
CA LYS A 34 -8.47 -9.53 -7.79
C LYS A 34 -7.67 -10.83 -7.64
N LYS A 35 -7.91 -11.54 -6.55
CA LYS A 35 -7.20 -12.80 -6.31
C LYS A 35 -7.57 -13.85 -7.35
N GLU A 36 -8.87 -14.08 -7.53
CA GLU A 36 -9.33 -15.07 -8.49
C GLU A 36 -9.04 -14.65 -9.93
N ILE A 37 -9.03 -13.33 -10.16
CA ILE A 37 -8.73 -12.79 -11.47
C ILE A 37 -7.33 -13.18 -11.95
N ASN A 38 -6.34 -12.99 -11.09
CA ASN A 38 -4.96 -13.28 -11.45
C ASN A 38 -4.68 -14.76 -11.69
N ARG A 39 -5.32 -15.63 -10.92
CA ARG A 39 -5.10 -17.07 -11.05
C ARG A 39 -5.67 -17.59 -12.37
N VAL A 40 -6.67 -16.88 -12.88
CA VAL A 40 -7.27 -17.23 -14.16
C VAL A 40 -6.47 -16.59 -15.29
N LEU A 41 -6.04 -15.35 -15.08
CA LEU A 41 -5.19 -14.66 -16.05
C LEU A 41 -3.93 -15.47 -16.34
N TYR A 42 -3.27 -15.91 -15.28
CA TYR A 42 -2.05 -16.70 -15.42
C TYR A 42 -2.35 -18.10 -15.96
N SER A 43 -3.56 -18.58 -15.71
CA SER A 43 -4.01 -19.85 -16.24
C SER A 43 -4.19 -19.74 -17.76
N LEU A 44 -4.75 -18.62 -18.21
CA LEU A 44 -4.91 -18.35 -19.63
C LEU A 44 -3.56 -18.16 -20.30
N ALA A 45 -2.58 -17.69 -19.52
CA ALA A 45 -1.24 -17.48 -20.03
C ALA A 45 -0.55 -18.82 -20.30
N LYS A 46 -0.81 -19.79 -19.42
CA LYS A 46 -0.25 -21.13 -19.57
C LYS A 46 -0.89 -21.90 -20.73
N LYS A 47 -1.93 -21.30 -21.33
CA LYS A 47 -2.62 -21.91 -22.46
C LYS A 47 -2.39 -21.12 -23.73
N GLY A 48 -1.47 -20.15 -23.66
CA GLY A 48 -1.12 -19.34 -24.81
C GLY A 48 -2.25 -18.46 -25.32
N LYS A 49 -3.36 -18.43 -24.58
CA LYS A 49 -4.52 -17.64 -24.98
C LYS A 49 -4.35 -16.16 -24.65
N LEU A 50 -3.51 -15.86 -23.66
CA LEU A 50 -3.23 -14.48 -23.29
C LEU A 50 -1.73 -14.19 -23.29
N GLN A 51 -1.39 -12.91 -23.42
CA GLN A 51 0.00 -12.48 -23.41
C GLN A 51 0.22 -11.39 -22.36
N LYS A 52 1.22 -11.61 -21.50
CA LYS A 52 1.50 -10.69 -20.39
C LYS A 52 2.68 -9.77 -20.69
N GLU A 53 2.51 -8.48 -20.36
CA GLU A 53 3.58 -7.50 -20.48
C GLU A 53 4.13 -7.17 -19.10
N ALA A 54 5.35 -7.61 -18.83
CA ALA A 54 5.97 -7.41 -17.52
C ALA A 54 5.87 -5.96 -17.06
N GLY A 55 5.82 -5.76 -15.74
CA GLY A 55 5.74 -4.43 -15.18
C GLY A 55 5.04 -4.42 -13.83
N THR A 56 4.75 -3.22 -13.33
CA THR A 56 4.07 -3.07 -12.05
C THR A 56 2.97 -2.02 -12.12
N PRO A 57 1.71 -2.47 -12.30
CA PRO A 57 1.33 -3.87 -12.46
C PRO A 57 1.57 -4.37 -13.89
N PRO A 58 1.43 -5.68 -14.11
CA PRO A 58 1.52 -6.27 -15.45
C PRO A 58 0.28 -5.95 -16.29
N LEU A 59 0.46 -5.84 -17.60
CA LEU A 59 -0.66 -5.57 -18.51
C LEU A 59 -1.03 -6.82 -19.30
N TRP A 60 -2.31 -7.03 -19.51
CA TRP A 60 -2.79 -8.22 -20.20
C TRP A 60 -3.61 -7.86 -21.45
N LYS A 61 -3.39 -8.61 -22.52
CA LYS A 61 -4.12 -8.39 -23.77
C LYS A 61 -4.22 -9.67 -24.60
N ILE A 62 -5.07 -9.64 -25.62
CA ILE A 62 -5.27 -10.78 -26.50
C ILE A 62 -4.14 -10.90 -27.51
N ALA A 63 -3.85 -9.81 -28.21
CA ALA A 63 -2.83 -9.78 -29.25
C ALA A 63 -3.18 -10.73 -30.39
N SER B 2 16.16 4.86 15.29
CA SER B 2 16.97 5.58 14.33
C SER B 2 17.38 6.95 14.86
N HIS B 3 18.15 7.68 14.06
CA HIS B 3 18.65 9.00 14.46
C HIS B 3 17.52 9.99 14.72
N MET B 4 16.35 9.72 14.15
CA MET B 4 15.19 10.59 14.34
C MET B 4 14.43 10.25 15.62
N GLU B 5 14.13 8.96 15.80
CA GLU B 5 13.42 8.51 16.98
C GLU B 5 14.16 8.93 18.26
N GLN B 6 15.48 8.95 18.17
CA GLN B 6 16.31 9.36 19.31
C GLN B 6 16.21 10.86 19.52
N ARG B 7 16.19 11.60 18.42
CA ARG B 7 16.21 13.06 18.46
C ARG B 7 14.86 13.64 18.83
N ILE B 8 13.81 12.83 18.76
CA ILE B 8 12.48 13.26 19.15
C ILE B 8 12.21 12.95 20.62
N LEU B 9 12.51 11.71 21.02
CA LEU B 9 12.35 11.30 22.40
C LEU B 9 13.12 12.23 23.35
N LYS B 10 14.34 12.61 22.95
CA LYS B 10 15.15 13.50 23.77
C LYS B 10 14.44 14.83 24.00
N PHE B 11 14.02 15.46 22.91
CA PHE B 11 13.35 16.75 22.98
C PHE B 11 12.15 16.70 23.92
N LEU B 12 11.33 15.68 23.78
CA LEU B 12 10.13 15.52 24.61
C LEU B 12 10.49 15.22 26.07
N GLU B 13 11.63 14.58 26.27
CA GLU B 13 12.12 14.29 27.63
C GLU B 13 12.61 15.57 28.30
N GLU B 14 13.29 16.42 27.54
CA GLU B 14 13.75 17.71 28.05
C GLU B 14 12.54 18.60 28.34
N LEU B 15 11.45 18.34 27.63
CA LEU B 15 10.17 18.95 27.94
C LEU B 15 9.65 18.42 29.26
N GLY B 16 8.72 19.14 29.87
CA GLY B 16 8.16 18.74 31.14
C GLY B 16 7.44 17.40 31.09
N GLU B 17 6.86 17.00 32.21
CA GLU B 17 6.11 15.76 32.30
C GLU B 17 4.70 15.92 31.75
N GLY B 18 4.03 17.00 32.15
CA GLY B 18 2.69 17.29 31.68
C GLY B 18 2.70 18.21 30.49
N LYS B 19 3.85 18.33 29.84
CA LYS B 19 4.00 19.20 28.68
C LYS B 19 3.81 18.42 27.38
N ALA B 20 3.28 19.10 26.37
CA ALA B 20 3.06 18.49 25.07
C ALA B 20 3.24 19.51 23.95
N THR B 21 3.84 19.07 22.85
CA THR B 21 4.09 19.96 21.72
C THR B 21 3.46 19.40 20.45
N THR B 22 3.59 20.14 19.35
CA THR B 22 3.01 19.73 18.07
C THR B 22 4.08 19.28 17.10
N ALA B 23 3.66 18.56 16.07
CA ALA B 23 4.56 18.11 15.02
C ALA B 23 5.10 19.29 14.23
N HIS B 24 4.32 20.36 14.20
CA HIS B 24 4.72 21.57 13.49
C HIS B 24 5.83 22.28 14.25
N ASP B 25 5.68 22.33 15.58
CA ASP B 25 6.71 22.91 16.43
C ASP B 25 8.00 22.11 16.36
N LEU B 26 7.88 20.78 16.32
CA LEU B 26 9.03 19.90 16.20
C LEU B 26 9.68 20.02 14.83
N SER B 27 8.87 20.22 13.80
CA SER B 27 9.38 20.37 12.45
C SER B 27 10.24 21.63 12.35
N GLY B 28 9.72 22.73 12.88
CA GLY B 28 10.44 24.00 12.88
C GLY B 28 11.32 24.14 14.10
N LYS B 29 11.91 23.02 14.53
CA LYS B 29 12.78 23.01 15.68
C LYS B 29 13.95 22.06 15.44
N LEU B 30 13.69 21.02 14.65
CA LEU B 30 14.72 20.03 14.34
C LEU B 30 15.07 20.04 12.86
N GLY B 31 14.57 21.04 12.13
CA GLY B 31 14.83 21.13 10.71
C GLY B 31 14.54 19.82 10.01
N THR B 32 13.27 19.40 10.05
CA THR B 32 12.88 18.10 9.52
C THR B 32 11.51 18.14 8.89
N PRO B 33 11.35 17.49 7.73
CA PRO B 33 10.03 17.41 7.08
C PRO B 33 8.97 16.94 8.07
N LYS B 34 7.86 17.68 8.13
CA LYS B 34 6.79 17.33 9.05
C LYS B 34 6.22 15.95 8.75
N LYS B 35 6.38 15.50 7.50
CA LYS B 35 5.97 14.15 7.11
C LYS B 35 6.80 13.12 7.87
N GLU B 36 8.09 13.41 8.02
CA GLU B 36 8.98 12.50 8.73
C GLU B 36 8.66 12.51 10.22
N ILE B 37 8.49 13.71 10.78
CA ILE B 37 8.12 13.85 12.18
C ILE B 37 6.85 13.06 12.48
N ASN B 38 5.82 13.26 11.66
CA ASN B 38 4.56 12.56 11.85
C ASN B 38 4.68 11.05 11.67
N ARG B 39 5.57 10.62 10.78
CA ARG B 39 5.82 9.21 10.58
C ARG B 39 6.38 8.58 11.87
N VAL B 40 7.33 9.27 12.48
CA VAL B 40 7.96 8.77 13.70
C VAL B 40 6.99 8.84 14.89
N LEU B 41 6.33 9.98 15.03
CA LEU B 41 5.37 10.17 16.12
C LEU B 41 4.36 9.04 16.18
N TYR B 42 3.66 8.80 15.07
CA TYR B 42 2.66 7.76 15.00
C TYR B 42 3.28 6.38 15.20
N SER B 43 4.54 6.23 14.80
CA SER B 43 5.27 4.98 14.95
C SER B 43 5.57 4.71 16.43
N LEU B 44 5.93 5.76 17.17
CA LEU B 44 6.21 5.65 18.59
C LEU B 44 4.94 5.48 19.41
N ALA B 45 3.85 6.05 18.92
CA ALA B 45 2.56 5.93 19.61
C ALA B 45 2.12 4.47 19.61
N LYS B 46 2.54 3.72 18.60
CA LYS B 46 2.25 2.30 18.52
C LYS B 46 2.96 1.54 19.62
N LYS B 47 4.24 1.86 19.81
CA LYS B 47 5.09 1.18 20.79
C LYS B 47 4.87 1.72 22.19
N GLY B 48 3.82 2.51 22.38
CA GLY B 48 3.47 3.03 23.68
C GLY B 48 4.48 4.00 24.26
N LYS B 49 5.47 4.38 23.46
CA LYS B 49 6.51 5.30 23.91
C LYS B 49 6.00 6.73 23.98
N LEU B 50 4.89 7.00 23.31
CA LEU B 50 4.31 8.34 23.28
C LEU B 50 2.80 8.31 23.42
N GLN B 51 2.21 9.46 23.77
CA GLN B 51 0.78 9.58 23.91
C GLN B 51 0.26 10.76 23.08
N LYS B 52 -0.85 10.54 22.40
CA LYS B 52 -1.42 11.57 21.52
C LYS B 52 -2.71 12.16 22.09
N GLU B 53 -2.75 13.49 22.18
CA GLU B 53 -3.95 14.18 22.64
C GLU B 53 -4.73 14.75 21.46
N ALA B 54 -6.01 14.42 21.40
CA ALA B 54 -6.87 14.85 20.30
C ALA B 54 -6.85 16.37 20.10
N GLY B 55 -7.24 16.81 18.91
CA GLY B 55 -7.28 18.23 18.60
C GLY B 55 -6.56 18.55 17.30
N THR B 56 -6.62 19.82 16.90
CA THR B 56 -5.96 20.26 15.69
C THR B 56 -5.07 21.47 15.96
N PRO B 57 -3.75 21.28 15.86
CA PRO B 57 -3.11 20.00 15.57
C PRO B 57 -3.05 19.10 16.80
N PRO B 58 -2.91 17.79 16.57
CA PRO B 58 -2.78 16.83 17.68
C PRO B 58 -1.53 17.12 18.51
N LEU B 59 -1.66 17.02 19.83
CA LEU B 59 -0.55 17.26 20.73
C LEU B 59 0.11 15.94 21.14
N TRP B 60 1.41 15.98 21.39
CA TRP B 60 2.16 14.77 21.69
C TRP B 60 3.00 14.91 22.95
N LYS B 61 3.02 13.85 23.76
CA LYS B 61 3.82 13.82 24.98
C LYS B 61 4.35 12.41 25.23
N ILE B 62 5.13 12.26 26.30
CA ILE B 62 5.72 10.97 26.64
C ILE B 62 4.82 10.18 27.58
N ALA B 63 4.96 8.87 27.57
CA ALA B 63 4.18 8.00 28.45
C ALA B 63 4.96 7.68 29.73
N SER C 2 0.55 -10.04 22.01
CA SER C 2 -0.24 -11.01 21.25
C SER C 2 0.08 -12.44 21.69
N HIS C 3 -0.88 -13.34 21.52
CA HIS C 3 -0.70 -14.73 21.89
C HIS C 3 0.10 -15.48 20.83
N MET C 4 -0.22 -15.23 19.57
CA MET C 4 0.49 -15.85 18.46
C MET C 4 1.97 -15.45 18.47
N GLU C 5 2.24 -14.20 18.85
CA GLU C 5 3.60 -13.72 18.98
C GLU C 5 4.35 -14.47 20.09
N GLN C 6 3.63 -14.81 21.15
CA GLN C 6 4.22 -15.49 22.29
C GLN C 6 4.52 -16.96 21.97
N ARG C 7 3.62 -17.60 21.24
CA ARG C 7 3.82 -18.99 20.86
C ARG C 7 5.04 -19.16 19.97
N ILE C 8 5.36 -18.12 19.20
CA ILE C 8 6.52 -18.16 18.32
C ILE C 8 7.81 -17.91 19.09
N LEU C 9 7.81 -16.86 19.90
CA LEU C 9 8.96 -16.50 20.71
C LEU C 9 9.41 -17.67 21.59
N LYS C 10 8.44 -18.34 22.21
CA LYS C 10 8.74 -19.50 23.05
C LYS C 10 9.47 -20.58 22.24
N PHE C 11 8.86 -20.98 21.13
CA PHE C 11 9.44 -22.00 20.27
C PHE C 11 10.90 -21.72 19.95
N LEU C 12 11.19 -20.48 19.54
CA LEU C 12 12.55 -20.10 19.18
C LEU C 12 13.47 -20.07 20.40
N GLU C 13 12.92 -19.74 21.55
CA GLU C 13 13.69 -19.72 22.79
C GLU C 13 14.08 -21.14 23.21
N GLU C 14 13.11 -22.05 23.14
CA GLU C 14 13.35 -23.45 23.45
C GLU C 14 14.33 -24.06 22.47
N LEU C 15 14.41 -23.46 21.29
CA LEU C 15 15.24 -23.97 20.21
C LEU C 15 16.72 -23.73 20.48
N GLY C 16 16.99 -22.77 21.36
CA GLY C 16 18.36 -22.41 21.69
C GLY C 16 18.70 -21.01 21.24
N GLU C 17 19.79 -20.46 21.77
CA GLU C 17 20.21 -19.11 21.40
C GLU C 17 21.12 -19.11 20.18
N GLY C 18 20.74 -18.34 19.17
CA GLY C 18 21.47 -18.29 17.92
C GLY C 18 20.85 -19.25 16.90
N LYS C 19 19.90 -20.05 17.36
CA LYS C 19 19.23 -21.01 16.50
C LYS C 19 18.16 -20.35 15.64
N ALA C 20 17.86 -20.96 14.50
CA ALA C 20 16.87 -20.41 13.57
C ALA C 20 16.04 -21.52 12.92
N THR C 21 14.83 -21.15 12.50
CA THR C 21 13.94 -22.09 11.82
C THR C 21 13.16 -21.35 10.74
N THR C 22 12.24 -22.04 10.09
CA THR C 22 11.49 -21.46 8.99
C THR C 22 10.00 -21.33 9.30
N ALA C 23 9.29 -20.62 8.43
CA ALA C 23 7.85 -20.46 8.56
C ALA C 23 7.13 -21.79 8.35
N HIS C 24 7.59 -22.56 7.38
CA HIS C 24 7.00 -23.87 7.10
CA HIS C 24 7.01 -23.87 7.10
C HIS C 24 7.05 -24.76 8.33
N ASP C 25 8.19 -24.75 9.02
CA ASP C 25 8.36 -25.56 10.23
C ASP C 25 7.37 -25.12 11.30
N LEU C 26 7.38 -23.84 11.62
CA LEU C 26 6.46 -23.28 12.62
C LEU C 26 5.02 -23.61 12.28
N SER C 27 4.67 -23.47 11.02
CA SER C 27 3.30 -23.70 10.56
C SER C 27 2.81 -25.10 10.94
N GLY C 28 3.69 -26.08 10.83
CA GLY C 28 3.33 -27.46 11.07
C GLY C 28 3.28 -27.84 12.54
N LYS C 29 4.14 -27.22 13.33
CA LYS C 29 4.25 -27.56 14.74
C LYS C 29 3.28 -26.77 15.62
N LEU C 30 2.82 -25.63 15.12
CA LEU C 30 1.88 -24.80 15.85
C LEU C 30 0.46 -24.98 15.33
N GLY C 31 0.33 -25.70 14.22
CA GLY C 31 -0.97 -25.97 13.62
C GLY C 31 -1.64 -24.73 13.09
N THR C 32 -0.84 -23.69 12.84
CA THR C 32 -1.34 -22.42 12.33
C THR C 32 -0.95 -22.24 10.87
N PRO C 33 -1.90 -21.75 10.04
CA PRO C 33 -1.66 -21.47 8.62
C PRO C 33 -0.36 -20.68 8.40
N LYS C 34 0.37 -21.02 7.34
CA LYS C 34 1.66 -20.41 7.05
C LYS C 34 1.57 -18.91 6.86
N LYS C 35 0.50 -18.45 6.21
CA LYS C 35 0.28 -17.02 6.00
C LYS C 35 0.28 -16.26 7.32
N GLU C 36 -0.42 -16.80 8.31
CA GLU C 36 -0.51 -16.15 9.62
C GLU C 36 0.87 -16.07 10.29
N ILE C 37 1.65 -17.13 10.13
CA ILE C 37 2.98 -17.20 10.72
C ILE C 37 3.89 -16.09 10.20
N ASN C 38 3.95 -15.96 8.88
CA ASN C 38 4.79 -14.93 8.25
C ASN C 38 4.40 -13.51 8.63
N ARG C 39 3.10 -13.25 8.71
CA ARG C 39 2.62 -11.94 9.12
C ARG C 39 3.22 -11.55 10.46
N VAL C 40 3.17 -12.47 11.41
CA VAL C 40 3.70 -12.22 12.74
C VAL C 40 5.23 -12.13 12.73
N LEU C 41 5.87 -12.99 11.94
CA LEU C 41 7.31 -12.99 11.83
C LEU C 41 7.83 -11.65 11.34
N TYR C 42 7.35 -11.22 10.17
CA TYR C 42 7.73 -9.93 9.61
C TYR C 42 7.31 -8.78 10.52
N SER C 43 6.19 -8.95 11.21
CA SER C 43 5.69 -7.94 12.15
C SER C 43 6.67 -7.76 13.30
N LEU C 44 7.09 -8.89 13.89
CA LEU C 44 8.08 -8.87 14.95
C LEU C 44 9.41 -8.32 14.47
N ALA C 45 9.68 -8.47 13.17
CA ALA C 45 10.92 -7.97 12.58
C ALA C 45 10.93 -6.44 12.58
N LYS C 46 9.75 -5.85 12.40
CA LYS C 46 9.59 -4.41 12.47
C LYS C 46 9.80 -3.89 13.90
N LYS C 47 9.48 -4.73 14.88
CA LYS C 47 9.61 -4.36 16.28
C LYS C 47 11.00 -4.67 16.81
N GLY C 48 11.84 -5.23 15.95
CA GLY C 48 13.21 -5.53 16.31
C GLY C 48 13.37 -6.74 17.21
N LYS C 49 12.27 -7.43 17.48
CA LYS C 49 12.29 -8.61 18.34
C LYS C 49 12.98 -9.80 17.64
N LEU C 50 12.65 -9.99 16.37
CA LEU C 50 13.22 -11.08 15.59
C LEU C 50 14.20 -10.57 14.54
N GLN C 51 14.98 -11.50 13.98
CA GLN C 51 15.95 -11.17 12.94
C GLN C 51 15.83 -12.16 11.78
N LYS C 52 15.71 -11.64 10.56
CA LYS C 52 15.54 -12.47 9.38
C LYS C 52 16.87 -12.72 8.68
N GLU C 53 17.21 -13.99 8.48
CA GLU C 53 18.43 -14.35 7.77
C GLU C 53 18.12 -14.71 6.31
N ALA C 54 18.91 -14.16 5.40
CA ALA C 54 18.72 -14.40 3.98
C ALA C 54 18.69 -15.88 3.64
N GLY C 55 17.82 -16.26 2.72
CA GLY C 55 17.71 -17.64 2.30
C GLY C 55 16.39 -17.93 1.59
N THR C 56 16.17 -19.19 1.25
CA THR C 56 14.95 -19.59 0.56
C THR C 56 14.54 -21.01 0.93
N PRO C 57 13.61 -21.15 1.89
CA PRO C 57 12.97 -20.04 2.62
C PRO C 57 13.94 -19.34 3.57
N PRO C 58 13.62 -18.10 3.98
CA PRO C 58 14.44 -17.35 4.93
C PRO C 58 14.44 -18.00 6.32
N LEU C 59 15.54 -17.85 7.05
CA LEU C 59 15.62 -18.34 8.42
C LEU C 59 15.33 -17.22 9.41
N TRP C 60 14.73 -17.57 10.55
CA TRP C 60 14.36 -16.57 11.55
C TRP C 60 15.00 -16.86 12.91
N LYS C 61 15.60 -15.83 13.51
CA LYS C 61 16.27 -15.96 14.79
C LYS C 61 15.91 -14.81 15.72
N ILE C 62 15.86 -15.09 17.02
CA ILE C 62 15.61 -14.06 18.03
C ILE C 62 16.78 -13.08 18.08
N ALA C 63 16.49 -11.81 17.84
CA ALA C 63 17.52 -10.77 17.85
C ALA C 63 18.11 -10.58 19.25
N GLY F 1 1.54 21.19 -14.47
CA GLY F 1 1.94 21.92 -15.65
C GLY F 1 0.91 21.84 -16.75
N SER F 2 0.97 22.77 -17.69
CA SER F 2 0.02 22.81 -18.80
C SER F 2 0.08 21.53 -19.64
N HIS F 3 1.29 21.02 -19.84
CA HIS F 3 1.47 19.77 -20.58
C HIS F 3 0.67 18.65 -19.94
N MET F 4 0.81 18.51 -18.62
CA MET F 4 0.08 17.50 -17.86
C MET F 4 -1.42 17.83 -17.82
N GLU F 5 -1.73 19.12 -17.75
CA GLU F 5 -3.13 19.55 -17.74
C GLU F 5 -3.84 19.19 -19.03
N GLN F 6 -3.14 19.36 -20.16
CA GLN F 6 -3.72 19.06 -21.47
C GLN F 6 -3.88 17.56 -21.68
N ARG F 7 -2.91 16.80 -21.19
CA ARG F 7 -2.96 15.34 -21.30
C ARG F 7 -4.16 14.78 -20.55
N ILE F 8 -4.40 15.29 -19.35
CA ILE F 8 -5.51 14.84 -18.52
C ILE F 8 -6.85 15.18 -19.15
N LEU F 9 -6.94 16.40 -19.68
CA LEU F 9 -8.16 16.87 -20.34
C LEU F 9 -8.49 16.01 -21.57
N LYS F 10 -7.47 15.73 -22.38
CA LYS F 10 -7.62 14.86 -23.54
C LYS F 10 -8.26 13.54 -23.13
N PHE F 11 -7.57 12.85 -22.23
CA PHE F 11 -8.00 11.53 -21.77
C PHE F 11 -9.48 11.50 -21.40
N LEU F 12 -9.91 12.49 -20.61
CA LEU F 12 -11.31 12.56 -20.18
C LEU F 12 -12.26 12.88 -21.34
N GLU F 13 -11.77 13.68 -22.29
CA GLU F 13 -12.58 14.02 -23.46
C GLU F 13 -12.80 12.80 -24.35
N GLU F 14 -11.74 12.02 -24.55
CA GLU F 14 -11.82 10.80 -25.35
C GLU F 14 -12.63 9.74 -24.62
N LEU F 15 -12.68 9.86 -23.29
CA LEU F 15 -13.35 8.87 -22.45
C LEU F 15 -14.87 8.96 -22.59
N GLY F 16 -15.33 9.74 -23.54
CA GLY F 16 -16.76 9.94 -23.75
C GLY F 16 -17.28 11.11 -22.93
N GLU F 17 -18.58 11.36 -23.00
CA GLU F 17 -19.19 12.46 -22.26
C GLU F 17 -20.15 11.97 -21.18
N GLY F 18 -19.86 12.31 -19.93
CA GLY F 18 -20.67 11.89 -18.80
C GLY F 18 -19.97 10.83 -17.98
N LYS F 19 -18.85 10.33 -18.47
CA LYS F 19 -18.10 9.28 -17.79
C LYS F 19 -17.00 9.88 -16.90
N ALA F 20 -16.55 9.09 -15.93
CA ALA F 20 -15.53 9.55 -15.00
C ALA F 20 -14.45 8.49 -14.75
N THR F 21 -13.34 8.91 -14.17
CA THR F 21 -12.24 8.01 -13.85
C THR F 21 -11.62 8.38 -12.50
N THR F 22 -10.56 7.68 -12.12
CA THR F 22 -9.92 7.92 -10.83
C THR F 22 -8.48 8.41 -10.98
N ALA F 23 -7.93 8.95 -9.91
CA ALA F 23 -6.54 9.42 -9.92
C ALA F 23 -5.58 8.25 -10.07
N HIS F 24 -5.89 7.15 -9.39
CA HIS F 24 -5.09 5.93 -9.47
C HIS F 24 -5.06 5.42 -10.91
N ASP F 25 -6.18 5.58 -11.61
CA ASP F 25 -6.29 5.13 -12.98
C ASP F 25 -5.42 5.98 -13.90
N LEU F 26 -5.59 7.29 -13.82
CA LEU F 26 -4.78 8.22 -14.61
C LEU F 26 -3.29 8.03 -14.35
N SER F 27 -2.95 7.65 -13.12
CA SER F 27 -1.56 7.47 -12.74
C SER F 27 -0.85 6.45 -13.62
N GLY F 28 -1.50 5.30 -13.83
CA GLY F 28 -0.93 4.22 -14.62
C GLY F 28 -0.90 4.50 -16.11
N LYS F 29 -1.97 5.10 -16.62
CA LYS F 29 -2.08 5.38 -18.05
C LYS F 29 -1.33 6.64 -18.45
N LEU F 30 -0.59 7.22 -17.51
CA LEU F 30 0.19 8.41 -17.79
C LEU F 30 1.59 8.30 -17.19
N GLY F 31 1.83 7.23 -16.45
CA GLY F 31 3.14 6.98 -15.85
C GLY F 31 3.59 8.11 -14.95
N THR F 32 2.70 8.54 -14.07
CA THR F 32 2.99 9.64 -13.16
C THR F 32 2.46 9.33 -11.76
N PRO F 33 3.29 9.57 -10.73
CA PRO F 33 2.88 9.36 -9.34
C PRO F 33 1.52 9.96 -9.06
N LYS F 34 0.64 9.20 -8.41
CA LYS F 34 -0.71 9.66 -8.12
C LYS F 34 -0.69 10.95 -7.32
N LYS F 35 0.34 11.11 -6.51
CA LYS F 35 0.50 12.32 -5.70
C LYS F 35 0.52 13.57 -6.58
N GLU F 36 1.20 13.47 -7.73
CA GLU F 36 1.31 14.57 -8.66
C GLU F 36 0.01 14.76 -9.45
N ILE F 37 -0.62 13.66 -9.83
CA ILE F 37 -1.86 13.69 -10.58
C ILE F 37 -2.94 14.48 -9.84
N ASN F 38 -3.00 14.29 -8.53
CA ASN F 38 -4.00 14.97 -7.70
C ASN F 38 -3.81 16.49 -7.67
N ARG F 39 -2.57 16.94 -7.68
CA ARG F 39 -2.27 18.37 -7.74
C ARG F 39 -2.91 18.99 -8.97
N VAL F 40 -2.77 18.32 -10.11
CA VAL F 40 -3.32 18.83 -11.36
C VAL F 40 -4.85 18.69 -11.40
N LEU F 41 -5.34 17.56 -10.90
CA LEU F 41 -6.78 17.30 -10.87
C LEU F 41 -7.52 18.38 -10.08
N TYR F 42 -7.03 18.68 -8.88
CA TYR F 42 -7.68 19.66 -8.01
C TYR F 42 -7.49 21.08 -8.52
N SER F 43 -6.37 21.32 -9.20
CA SER F 43 -6.10 22.63 -9.79
C SER F 43 -7.09 22.91 -10.92
N LEU F 44 -7.31 21.93 -11.78
CA LEU F 44 -8.28 22.06 -12.85
C LEU F 44 -9.67 22.34 -12.30
N ALA F 45 -9.94 21.80 -11.11
CA ALA F 45 -11.21 22.02 -10.45
C ALA F 45 -11.32 23.47 -10.01
N LYS F 46 -10.20 24.05 -9.58
CA LYS F 46 -10.15 25.46 -9.22
C LYS F 46 -10.45 26.35 -10.42
N LYS F 47 -10.18 25.84 -11.61
CA LYS F 47 -10.37 26.61 -12.83
C LYS F 47 -11.70 26.33 -13.51
N GLY F 48 -12.51 25.49 -12.86
CA GLY F 48 -13.84 25.17 -13.37
C GLY F 48 -13.83 24.30 -14.61
N LYS F 49 -12.77 23.51 -14.77
CA LYS F 49 -12.64 22.63 -15.92
C LYS F 49 -13.03 21.20 -15.59
N LEU F 50 -12.92 20.85 -14.30
CA LEU F 50 -13.26 19.52 -13.83
C LEU F 50 -14.22 19.53 -12.65
N GLN F 51 -14.99 18.47 -12.50
CA GLN F 51 -15.88 18.31 -11.36
C GLN F 51 -15.52 17.02 -10.61
N LYS F 52 -15.46 17.10 -9.28
CA LYS F 52 -15.17 15.92 -8.48
C LYS F 52 -16.45 15.29 -7.95
N GLU F 53 -16.63 14.01 -8.20
CA GLU F 53 -17.77 13.27 -7.67
C GLU F 53 -17.37 12.39 -6.50
N ALA F 54 -18.23 12.31 -5.51
CA ALA F 54 -17.98 11.46 -4.34
C ALA F 54 -17.81 10.01 -4.76
N GLY F 55 -17.03 9.27 -3.99
CA GLY F 55 -16.77 7.86 -4.28
C GLY F 55 -15.51 7.35 -3.61
N THR F 56 -15.21 6.09 -3.82
CA THR F 56 -14.04 5.47 -3.21
C THR F 56 -13.24 4.63 -4.21
N PRO F 57 -12.19 5.23 -4.80
CA PRO F 57 -11.79 6.62 -4.62
C PRO F 57 -12.71 7.57 -5.38
N PRO F 58 -12.54 8.89 -5.18
CA PRO F 58 -13.34 9.91 -5.89
C PRO F 58 -13.26 9.75 -7.41
N LEU F 59 -14.33 10.15 -8.10
CA LEU F 59 -14.37 10.09 -9.55
C LEU F 59 -14.27 11.48 -10.17
N TRP F 60 -13.57 11.59 -11.29
CA TRP F 60 -13.35 12.87 -11.95
C TRP F 60 -13.88 12.88 -13.38
N LYS F 61 -14.51 14.00 -13.76
CA LYS F 61 -15.06 14.15 -15.10
C LYS F 61 -15.02 15.62 -15.54
N ILE F 62 -15.18 15.84 -16.84
CA ILE F 62 -15.19 17.18 -17.40
C ILE F 62 -16.37 18.00 -16.87
N ALA F 63 -16.10 19.23 -16.48
CA ALA F 63 -17.14 20.10 -15.94
C ALA F 63 -18.16 20.49 -17.00
N VAL F 64 -19.44 20.54 -16.61
CA VAL F 64 -20.51 20.90 -17.53
C VAL F 64 -21.17 22.22 -17.11
N1 EPE G . 1.38 0.12 2.84
C2 EPE G . 1.80 -0.56 1.61
C3 EPE G . 3.10 0.02 1.09
N4 EPE G . 4.13 -0.23 2.06
C5 EPE G . 3.71 -0.68 3.36
C6 EPE G . 2.47 0.07 3.85
C7 EPE G . 5.51 0.14 1.81
C8 EPE G . 6.41 -0.13 3.02
O8 EPE G . 7.67 0.45 2.82
C9 EPE G . 0.22 -0.62 3.40
C10 EPE G . -0.86 0.35 3.83
S EPE G . -1.87 -0.32 5.18
O1S EPE G . -2.75 -1.36 4.67
O2S EPE G . -0.99 -0.87 6.21
O3S EPE G . -2.68 0.74 5.77
#